data_1QTM
#
_entry.id   1QTM
#
_cell.length_a   107.988
_cell.length_b   107.988
_cell.length_c   90.201
_cell.angle_alpha   90.00
_cell.angle_beta   90.00
_cell.angle_gamma   120.00
#
_symmetry.space_group_name_H-M   'P 31 2 1'
#
loop_
_entity.id
_entity.type
_entity.pdbx_description
1 polymer "5'-D(*GP*AP*CP*CP*AP*CP*GP*GP*CP*GP*CP*(2DT))-3'"
2 polymer "5'-D(*AP*AP*AP*GP*CP*GP*CP*CP*GP*TP*GP*GP*TP*C)-3'"
3 polymer 'DNA POLYMERASE I'
4 non-polymer 'MAGNESIUM ION'
5 non-polymer "THYMIDINE-5'-TRIPHOSPHATE"
6 water water
#
loop_
_entity_poly.entity_id
_entity_poly.type
_entity_poly.pdbx_seq_one_letter_code
_entity_poly.pdbx_strand_id
1 'polydeoxyribonucleotide' (DG)(DA)(DC)(DC)(DA)(DC)(DG)(DG)(DC)(DG)(DC)(2DT) B
2 'polydeoxyribonucleotide' (DA)(DA)(DA)(DG)(DC)(DG)(DC)(DC)(DG)(DT)(DG)(DG)(DT)(DC) C
3 'polypeptide(L)'
;ALEEAPWPPPEGAFVGFVLSRKEPMWADLLALAAARGGRVHRAPEPYKALRDLKEARGLLAKDLSVLALREGLGLPPGDD
PMLLAYLLDPSNTTPEGVARRYGGEWTEEAGERAALSERLFANLWGRLEGEERLLWLYREVERPLSAVLAHMEATGVRLD
VAYLRALSLEVAEEIARLEAEVFRLAGHPFNLNSRDQLERVLFDELGLPAIGKTEKTGKRSTSAAVLEALREAHPIVEKI
LQYRELTKLKSTYIDPLPDLIHPRTGRLHTRFNQTATATGRLSSSDPNLQNIPVRTPLGQRIRRAFIAEEGWLLVALDYS
QIELRVLAHLSGDENLIRVFQEGRDIHTETASWMFGVPREAVDPLMRRAAKTINFGVLYGMSAHRLSQELAIPYEEAQAF
IERYFQSFPKVRAWIEKTLEEGRRRGYVETLFGRRRYVPDLEARVKSVREAAERMAFNMPVQGTAADLMKLAMVKLFPRL
EEMGARMLLQVHDELVLEAPKERAEAVARLAKEVMEGVYPLAVPLEVEVGIGEDWLSAK
;
A
#
loop_
_chem_comp.id
_chem_comp.type
_chem_comp.name
_chem_comp.formula
2DT DNA linking 3'-DEOXYTHYMIDINE-5'-MONOPHOSPHATE 'C10 H15 N2 O7 P'
DA DNA linking 2'-DEOXYADENOSINE-5'-MONOPHOSPHATE 'C10 H14 N5 O6 P'
DC DNA linking 2'-DEOXYCYTIDINE-5'-MONOPHOSPHATE 'C9 H14 N3 O7 P'
DG DNA linking 2'-DEOXYGUANOSINE-5'-MONOPHOSPHATE 'C10 H14 N5 O7 P'
DT DNA linking THYMIDINE-5'-MONOPHOSPHATE 'C10 H15 N2 O8 P'
MG non-polymer 'MAGNESIUM ION' 'Mg 2'
TTP non-polymer THYMIDINE-5'-TRIPHOSPHATE 'C10 H17 N2 O14 P3'
#
# COMPACT_ATOMS: atom_id res chain seq x y z
P 2DT A 12 -4.53 -2.26 -8.92
OP1 2DT A 12 -5.64 -3.20 -8.63
OP2 2DT A 12 -4.49 -1.54 -10.21
O5' 2DT A 12 -4.49 -1.18 -7.74
N1 2DT A 12 -2.95 2.33 -6.45
C6 2DT A 12 -2.87 1.72 -7.70
C2 2DT A 12 -2.47 3.61 -6.26
O2 2DT A 12 -2.53 4.19 -5.19
N3 2DT A 12 -1.92 4.19 -7.38
C4 2DT A 12 -1.80 3.64 -8.63
O4 2DT A 12 -1.29 4.28 -9.52
C5 2DT A 12 -2.33 2.31 -8.78
C5M 2DT A 12 -2.24 1.66 -10.11
C2' 2DT A 12 -5.02 1.85 -5.07
C5' 2DT A 12 -4.59 -1.63 -6.39
C4' 2DT A 12 -4.62 -0.45 -5.44
O4' 2DT A 12 -3.33 0.23 -5.45
C1' 2DT A 12 -3.52 1.61 -5.28
C3' 2DT A 12 -5.62 0.63 -5.77
N ALA C 1 19.52 2.75 37.85
CA ALA C 1 18.10 3.10 37.58
C ALA C 1 17.47 2.07 36.64
N LEU C 2 17.68 0.79 36.96
CA LEU C 2 17.14 -0.32 36.18
C LEU C 2 17.82 -1.62 36.61
N GLU C 3 17.19 -2.32 37.55
CA GLU C 3 17.74 -3.58 38.06
C GLU C 3 17.29 -4.75 37.19
N GLU C 4 17.69 -5.95 37.57
CA GLU C 4 17.33 -7.14 36.80
C GLU C 4 16.64 -8.18 37.66
N ALA C 5 15.58 -8.78 37.14
CA ALA C 5 14.84 -9.79 37.88
C ALA C 5 14.69 -11.07 37.06
N PRO C 6 14.43 -12.21 37.73
CA PRO C 6 14.27 -13.50 37.06
C PRO C 6 13.13 -13.43 36.03
N TRP C 7 13.34 -14.05 34.87
CA TRP C 7 12.38 -14.02 33.77
C TRP C 7 10.94 -13.63 34.06
N PRO C 8 10.20 -14.46 34.81
CA PRO C 8 8.81 -14.13 35.11
C PRO C 8 8.48 -12.63 35.29
N PRO C 9 8.12 -11.95 34.19
CA PRO C 9 7.80 -10.53 34.25
C PRO C 9 6.37 -10.33 34.72
N PRO C 10 6.12 -9.27 35.48
CA PRO C 10 4.76 -9.01 35.95
C PRO C 10 3.85 -8.72 34.75
N GLU C 11 2.54 -8.85 34.95
CA GLU C 11 1.59 -8.58 33.88
C GLU C 11 1.70 -7.10 33.49
N GLY C 12 1.39 -6.80 32.24
CA GLY C 12 1.44 -5.43 31.76
C GLY C 12 2.80 -4.90 31.39
N ALA C 13 3.83 -5.75 31.44
CA ALA C 13 5.18 -5.33 31.10
C ALA C 13 5.38 -5.14 29.59
N PHE C 14 6.37 -4.34 29.21
CA PHE C 14 6.65 -4.12 27.80
C PHE C 14 7.71 -5.13 27.39
N VAL C 15 7.49 -5.78 26.26
CA VAL C 15 8.42 -6.80 25.76
C VAL C 15 9.53 -6.19 24.93
N GLY C 16 10.58 -6.97 24.75
CA GLY C 16 11.73 -6.58 23.96
C GLY C 16 12.22 -7.90 23.38
N PHE C 17 12.53 -7.93 22.09
CA PHE C 17 12.98 -9.16 21.44
C PHE C 17 13.89 -8.91 20.25
N VAL C 18 14.63 -9.94 19.86
CA VAL C 18 15.56 -9.86 18.75
C VAL C 18 15.32 -11.03 17.80
N LEU C 19 15.26 -10.72 16.51
CA LEU C 19 15.02 -11.73 15.49
C LEU C 19 16.25 -11.96 14.61
N SER C 20 16.40 -13.19 14.12
CA SER C 20 17.52 -13.51 13.25
C SER C 20 17.41 -12.67 11.99
N ARG C 21 16.17 -12.33 11.63
CA ARG C 21 15.90 -11.51 10.45
C ARG C 21 14.63 -10.68 10.68
N LYS C 22 14.40 -9.69 9.83
CA LYS C 22 13.23 -8.83 10.00
C LYS C 22 11.86 -9.46 9.66
N GLU C 23 11.82 -10.56 8.92
CA GLU C 23 10.52 -11.18 8.60
C GLU C 23 10.06 -12.04 9.75
N PRO C 24 8.98 -11.64 10.44
CA PRO C 24 8.45 -12.40 11.57
C PRO C 24 8.19 -13.88 11.29
N MET C 25 7.73 -14.19 10.08
CA MET C 25 7.43 -15.57 9.69
C MET C 25 8.64 -16.47 9.41
N TRP C 26 9.79 -15.88 9.11
CA TRP C 26 10.97 -16.67 8.82
C TRP C 26 12.05 -16.48 9.88
N ALA C 27 11.82 -15.52 10.76
CA ALA C 27 12.78 -15.20 11.81
C ALA C 27 12.88 -16.24 12.90
N ASP C 28 14.07 -16.27 13.48
CA ASP C 28 14.41 -17.14 14.60
C ASP C 28 14.39 -16.16 15.77
N LEU C 29 13.64 -16.48 16.82
CA LEU C 29 13.56 -15.63 18.00
C LEU C 29 14.86 -15.86 18.77
N LEU C 30 15.82 -14.95 18.62
CA LEU C 30 17.11 -15.06 19.29
C LEU C 30 17.08 -14.75 20.79
N ALA C 31 16.29 -13.76 21.18
CA ALA C 31 16.21 -13.36 22.58
C ALA C 31 14.88 -12.69 22.87
N LEU C 32 14.49 -12.70 24.15
CA LEU C 32 13.22 -12.09 24.56
C LEU C 32 13.35 -11.60 26.00
N ALA C 33 12.83 -10.40 26.27
CA ALA C 33 12.87 -9.82 27.61
C ALA C 33 11.63 -8.97 27.87
N ALA C 34 11.57 -8.36 29.05
CA ALA C 34 10.44 -7.53 29.43
C ALA C 34 10.89 -6.49 30.45
N ALA C 35 10.21 -5.34 30.50
CA ALA C 35 10.57 -4.27 31.41
C ALA C 35 9.33 -3.67 32.08
N ARG C 36 9.38 -3.53 33.39
CA ARG C 36 8.23 -2.97 34.10
C ARG C 36 8.68 -2.32 35.40
N GLY C 37 8.01 -1.23 35.76
CA GLY C 37 8.33 -0.52 36.99
C GLY C 37 9.66 0.21 36.95
N GLY C 38 10.74 -0.56 36.98
CA GLY C 38 12.07 0.02 36.95
C GLY C 38 13.12 -1.07 36.83
N ARG C 39 12.68 -2.25 36.41
CA ARG C 39 13.61 -3.38 36.26
C ARG C 39 13.34 -4.12 34.94
N VAL C 40 14.22 -5.08 34.61
CA VAL C 40 14.12 -5.85 33.38
C VAL C 40 14.28 -7.36 33.56
N HIS C 41 13.45 -8.13 32.87
CA HIS C 41 13.48 -9.59 32.96
C HIS C 41 13.93 -10.22 31.64
N ARG C 42 14.94 -11.07 31.71
CA ARG C 42 15.43 -11.75 30.52
C ARG C 42 15.08 -13.22 30.56
N ALA C 43 14.62 -13.74 29.43
CA ALA C 43 14.23 -15.14 29.32
C ALA C 43 15.39 -15.99 28.85
N PRO C 44 15.79 -16.98 29.67
CA PRO C 44 16.91 -17.85 29.29
C PRO C 44 16.60 -18.60 28.00
N GLU C 45 15.36 -19.08 27.87
CA GLU C 45 14.89 -19.80 26.69
C GLU C 45 13.68 -19.05 26.11
N PRO C 46 13.92 -18.11 25.18
CA PRO C 46 12.93 -17.27 24.50
C PRO C 46 11.64 -17.92 24.03
N TYR C 47 11.76 -18.94 23.19
CA TYR C 47 10.56 -19.62 22.68
C TYR C 47 9.70 -20.09 23.83
N LYS C 48 10.32 -20.76 24.80
CA LYS C 48 9.60 -21.24 25.96
C LYS C 48 8.95 -20.05 26.67
N ALA C 49 9.70 -18.95 26.78
CA ALA C 49 9.21 -17.76 27.45
C ALA C 49 7.95 -17.14 26.81
N LEU C 50 7.85 -17.20 25.48
CA LEU C 50 6.68 -16.64 24.81
C LEU C 50 5.38 -17.13 25.41
N ARG C 51 5.35 -18.40 25.78
CA ARG C 51 4.16 -19.00 26.39
C ARG C 51 3.65 -18.29 27.63
N ASP C 52 4.55 -17.68 28.39
CA ASP C 52 4.12 -16.99 29.61
C ASP C 52 3.37 -15.68 29.41
N LEU C 53 3.73 -14.92 28.38
CA LEU C 53 3.08 -13.64 28.12
C LEU C 53 1.61 -13.79 27.77
N LYS C 54 0.85 -12.73 28.00
CA LYS C 54 -0.56 -12.75 27.69
C LYS C 54 -0.81 -11.69 26.63
N GLU C 55 0.17 -10.80 26.49
CA GLU C 55 0.07 -9.69 25.55
C GLU C 55 1.45 -9.16 25.17
N ALA C 56 1.55 -8.55 24.00
CA ALA C 56 2.81 -7.97 23.55
C ALA C 56 2.70 -6.44 23.53
N ARG C 57 3.37 -5.80 24.48
CA ARG C 57 3.36 -4.34 24.55
C ARG C 57 4.78 -3.86 24.30
N GLY C 58 4.95 -3.00 23.29
CA GLY C 58 6.28 -2.51 23.00
C GLY C 58 6.55 -2.33 21.52
N LEU C 59 7.77 -1.92 21.18
CA LEU C 59 8.14 -1.72 19.79
C LEU C 59 7.87 -2.96 18.96
N LEU C 60 7.22 -2.76 17.83
CA LEU C 60 6.93 -3.86 16.91
C LEU C 60 6.16 -5.02 17.56
N ALA C 61 5.16 -4.70 18.38
CA ALA C 61 4.38 -5.74 19.04
C ALA C 61 3.76 -6.71 18.03
N LYS C 62 3.21 -6.18 16.95
CA LYS C 62 2.57 -7.01 15.92
C LYS C 62 3.51 -8.09 15.35
N ASP C 63 4.78 -7.77 15.17
CA ASP C 63 5.75 -8.71 14.63
C ASP C 63 6.00 -9.91 15.54
N LEU C 64 6.20 -9.67 16.83
CA LEU C 64 6.42 -10.76 17.78
C LEU C 64 5.13 -11.56 17.85
N SER C 65 4.02 -10.85 17.70
CA SER C 65 2.69 -11.44 17.70
C SER C 65 2.54 -12.37 16.49
N VAL C 66 3.10 -11.98 15.35
CA VAL C 66 3.03 -12.80 14.15
C VAL C 66 3.81 -14.09 14.39
N LEU C 67 5.05 -13.96 14.86
CA LEU C 67 5.89 -15.10 15.13
C LEU C 67 5.23 -15.98 16.18
N ALA C 68 4.50 -15.34 17.11
CA ALA C 68 3.81 -16.09 18.14
C ALA C 68 2.75 -16.95 17.48
N LEU C 69 1.95 -16.34 16.62
CA LEU C 69 0.90 -17.07 15.92
C LEU C 69 1.51 -18.22 15.14
N ARG C 70 2.68 -17.99 14.57
CA ARG C 70 3.38 -19.01 13.79
C ARG C 70 3.66 -20.27 14.64
N GLU C 71 3.78 -20.09 15.95
CA GLU C 71 4.08 -21.20 16.85
C GLU C 71 2.88 -21.79 17.60
N GLY C 72 1.68 -21.40 17.19
CA GLY C 72 0.49 -21.93 17.82
C GLY C 72 -0.08 -21.13 18.98
N LEU C 73 0.54 -20.00 19.30
CA LEU C 73 0.09 -19.16 20.40
C LEU C 73 -0.90 -18.10 19.94
N GLY C 74 -1.56 -17.45 20.88
CA GLY C 74 -2.52 -16.43 20.52
C GLY C 74 -2.17 -15.11 21.16
N LEU C 75 -0.88 -14.88 21.37
CA LEU C 75 -0.39 -13.66 21.98
C LEU C 75 -0.79 -12.46 21.12
N PRO C 76 -1.82 -11.71 21.52
CA PRO C 76 -2.25 -10.55 20.75
C PRO C 76 -1.36 -9.34 21.04
N PRO C 77 -1.12 -8.47 20.04
CA PRO C 77 -0.29 -7.28 20.20
C PRO C 77 -1.06 -6.18 20.94
N GLY C 78 -0.39 -5.49 21.84
CA GLY C 78 -1.03 -4.42 22.59
C GLY C 78 -0.38 -3.08 22.29
N ASP C 79 -0.24 -2.22 23.28
CA ASP C 79 0.38 -0.92 23.05
C ASP C 79 1.72 -1.04 22.33
N ASP C 80 1.98 -0.10 21.44
CA ASP C 80 3.22 -0.06 20.69
C ASP C 80 3.55 1.43 20.48
N PRO C 81 4.62 1.90 21.12
CA PRO C 81 5.00 3.31 20.97
C PRO C 81 5.22 3.76 19.50
N MET C 82 5.49 2.82 18.61
CA MET C 82 5.68 3.15 17.19
C MET C 82 4.39 3.72 16.63
N LEU C 83 3.27 3.21 17.12
CA LEU C 83 1.97 3.66 16.67
C LEU C 83 1.67 5.04 17.19
N LEU C 84 2.12 5.34 18.41
CA LEU C 84 1.86 6.66 18.99
C LEU C 84 2.65 7.71 18.20
N ALA C 85 3.93 7.40 17.95
CA ALA C 85 4.82 8.26 17.20
C ALA C 85 4.32 8.48 15.77
N TYR C 86 3.96 7.40 15.11
CA TYR C 86 3.46 7.48 13.75
C TYR C 86 2.30 8.45 13.66
N LEU C 87 1.46 8.43 14.69
CA LEU C 87 0.30 9.32 14.75
C LEU C 87 0.70 10.76 15.06
N LEU C 88 1.75 10.95 15.84
CA LEU C 88 2.21 12.31 16.16
C LEU C 88 2.84 12.90 14.91
N ASP C 89 3.59 12.07 14.20
CA ASP C 89 4.28 12.51 12.99
C ASP C 89 4.50 11.28 12.10
N PRO C 90 3.78 11.20 10.98
CA PRO C 90 3.91 10.08 10.04
C PRO C 90 5.32 9.88 9.51
N SER C 91 6.24 10.81 9.80
CA SER C 91 7.61 10.64 9.33
C SER C 91 8.36 9.75 10.31
N ASN C 92 7.72 9.40 11.43
CA ASN C 92 8.31 8.50 12.40
C ASN C 92 8.01 7.10 11.88
N THR C 93 8.89 6.55 11.06
CA THR C 93 8.66 5.22 10.47
C THR C 93 9.53 4.08 10.95
N THR C 94 10.62 4.38 11.65
CA THR C 94 11.47 3.30 12.10
C THR C 94 11.79 3.45 13.58
N PRO C 95 12.11 2.34 14.25
CA PRO C 95 12.42 2.39 15.68
C PRO C 95 13.69 3.22 15.87
N GLU C 96 14.69 2.97 15.02
CA GLU C 96 15.93 3.71 15.10
C GLU C 96 15.65 5.21 15.26
N GLY C 97 14.80 5.73 14.39
CA GLY C 97 14.46 7.14 14.43
C GLY C 97 13.58 7.56 15.58
N VAL C 98 12.58 6.75 15.88
CA VAL C 98 11.68 7.07 16.98
C VAL C 98 12.41 7.02 18.31
N ALA C 99 13.38 6.12 18.43
CA ALA C 99 14.15 6.00 19.66
C ALA C 99 15.05 7.22 19.81
N ARG C 100 15.72 7.60 18.73
CA ARG C 100 16.59 8.77 18.80
C ARG C 100 15.77 10.03 19.05
N ARG C 101 14.65 10.21 18.34
CA ARG C 101 13.86 11.40 18.57
C ARG C 101 13.15 11.45 19.90
N TYR C 102 12.70 10.31 20.42
CA TYR C 102 11.93 10.34 21.66
C TYR C 102 12.54 9.76 22.93
N GLY C 103 13.84 9.48 22.93
CA GLY C 103 14.45 9.01 24.14
C GLY C 103 15.23 7.70 24.19
N GLY C 104 16.31 7.60 23.43
CA GLY C 104 17.07 6.37 23.51
C GLY C 104 17.77 5.93 22.26
N GLU C 105 18.21 4.69 22.29
CA GLU C 105 18.92 4.10 21.17
C GLU C 105 18.36 2.69 20.95
N TRP C 106 18.10 2.37 19.69
CA TRP C 106 17.60 1.06 19.30
C TRP C 106 18.84 0.19 19.15
N THR C 107 19.00 -0.76 20.06
CA THR C 107 20.15 -1.66 20.02
C THR C 107 19.74 -3.05 19.61
N GLU C 108 20.61 -4.03 19.87
CA GLU C 108 20.34 -5.41 19.51
C GLU C 108 20.15 -6.30 20.75
N GLU C 109 20.05 -5.70 21.92
CA GLU C 109 19.90 -6.48 23.15
C GLU C 109 18.42 -6.43 23.52
N ALA C 110 17.82 -7.60 23.74
CA ALA C 110 16.40 -7.69 24.10
C ALA C 110 16.09 -6.88 25.35
N GLY C 111 16.94 -7.03 26.37
CA GLY C 111 16.71 -6.30 27.60
C GLY C 111 16.57 -4.81 27.33
N GLU C 112 17.57 -4.25 26.66
CA GLU C 112 17.58 -2.83 26.31
C GLU C 112 16.35 -2.42 25.52
N ARG C 113 15.84 -3.31 24.66
CA ARG C 113 14.66 -3.02 23.86
C ARG C 113 13.41 -2.95 24.71
N ALA C 114 13.31 -3.84 25.70
CA ALA C 114 12.14 -3.84 26.58
C ALA C 114 12.15 -2.57 27.40
N ALA C 115 13.32 -2.20 27.90
CA ALA C 115 13.44 -0.98 28.68
C ALA C 115 13.11 0.19 27.76
N LEU C 116 13.68 0.17 26.56
CA LEU C 116 13.44 1.23 25.58
C LEU C 116 11.95 1.37 25.27
N SER C 117 11.26 0.25 25.09
CA SER C 117 9.82 0.28 24.79
C SER C 117 9.05 1.00 25.89
N GLU C 118 9.39 0.68 27.13
CA GLU C 118 8.71 1.27 28.27
C GLU C 118 8.88 2.78 28.40
N ARG C 119 10.12 3.25 28.37
CA ARG C 119 10.32 4.69 28.51
C ARG C 119 9.74 5.41 27.31
N LEU C 120 9.88 4.83 26.12
CA LEU C 120 9.35 5.45 24.92
C LEU C 120 7.83 5.62 25.01
N PHE C 121 7.14 4.56 25.38
CA PHE C 121 5.70 4.62 25.50
C PHE C 121 5.30 5.70 26.49
N ALA C 122 6.04 5.77 27.59
CA ALA C 122 5.78 6.77 28.62
C ALA C 122 5.88 8.21 28.08
N ASN C 123 6.96 8.51 27.36
CA ASN C 123 7.16 9.85 26.84
C ASN C 123 6.15 10.18 25.73
N LEU C 124 6.02 9.28 24.77
CA LEU C 124 5.10 9.47 23.66
C LEU C 124 3.66 9.58 24.15
N TRP C 125 3.30 8.75 25.12
CA TRP C 125 1.94 8.78 25.65
C TRP C 125 1.71 10.14 26.32
N GLY C 126 2.77 10.72 26.85
CA GLY C 126 2.65 12.01 27.50
C GLY C 126 2.50 13.13 26.49
N ARG C 127 3.00 12.90 25.27
CA ARG C 127 2.92 13.91 24.22
C ARG C 127 1.58 13.94 23.52
N LEU C 128 0.86 12.83 23.59
CA LEU C 128 -0.46 12.73 22.99
C LEU C 128 -1.46 13.33 23.98
N GLU C 129 -0.94 13.83 25.10
CA GLU C 129 -1.78 14.43 26.13
C GLU C 129 -2.60 15.57 25.52
N GLY C 130 -3.90 15.35 25.38
CA GLY C 130 -4.75 16.38 24.82
C GLY C 130 -5.11 16.16 23.37
N GLU C 131 -4.31 15.38 22.67
CA GLU C 131 -4.57 15.09 21.26
C GLU C 131 -5.71 14.09 21.15
N GLU C 132 -6.88 14.48 21.68
CA GLU C 132 -8.06 13.64 21.69
C GLU C 132 -8.32 12.95 20.35
N ARG C 133 -8.07 13.67 19.27
CA ARG C 133 -8.30 13.14 17.93
C ARG C 133 -7.32 12.04 17.56
N LEU C 134 -6.05 12.22 17.92
CA LEU C 134 -5.05 11.20 17.63
C LEU C 134 -5.24 10.06 18.63
N LEU C 135 -5.70 10.40 19.83
CA LEU C 135 -5.97 9.41 20.87
C LEU C 135 -7.09 8.48 20.41
N TRP C 136 -8.04 9.04 19.68
CA TRP C 136 -9.17 8.28 19.18
C TRP C 136 -8.68 7.30 18.11
N LEU C 137 -7.83 7.82 17.21
CA LEU C 137 -7.25 7.02 16.14
C LEU C 137 -6.37 5.88 16.67
N TYR C 138 -5.69 6.13 17.78
CA TYR C 138 -4.83 5.11 18.37
C TYR C 138 -5.62 3.94 18.96
N ARG C 139 -6.53 4.27 19.86
CA ARG C 139 -7.33 3.24 20.51
C ARG C 139 -8.46 2.63 19.69
N GLU C 140 -9.04 3.40 18.77
CA GLU C 140 -10.14 2.87 17.97
C GLU C 140 -9.71 2.32 16.60
N VAL C 141 -8.49 2.65 16.18
CA VAL C 141 -8.02 2.17 14.88
C VAL C 141 -6.69 1.44 14.90
N GLU C 142 -5.60 2.19 15.04
CA GLU C 142 -4.26 1.60 15.02
C GLU C 142 -3.99 0.43 15.96
N ARG C 143 -4.19 0.60 17.26
CA ARG C 143 -3.91 -0.50 18.18
C ARG C 143 -4.72 -1.74 17.82
N PRO C 144 -6.05 -1.63 17.72
CA PRO C 144 -6.77 -2.84 17.36
C PRO C 144 -6.35 -3.37 15.98
N LEU C 145 -6.18 -2.48 15.00
CA LEU C 145 -5.77 -2.92 13.65
C LEU C 145 -4.52 -3.79 13.70
N SER C 146 -3.58 -3.48 14.59
CA SER C 146 -2.34 -4.26 14.68
C SER C 146 -2.65 -5.74 14.88
N ALA C 147 -3.62 -6.03 15.73
CA ALA C 147 -4.02 -7.41 15.98
C ALA C 147 -4.49 -8.03 14.67
N VAL C 148 -5.29 -7.26 13.93
CA VAL C 148 -5.81 -7.73 12.66
C VAL C 148 -4.67 -8.07 11.70
N LEU C 149 -3.74 -7.13 11.55
CA LEU C 149 -2.60 -7.33 10.65
C LEU C 149 -1.80 -8.57 11.03
N ALA C 150 -1.69 -8.82 12.32
CA ALA C 150 -0.95 -9.99 12.79
C ALA C 150 -1.57 -11.26 12.22
N HIS C 151 -2.86 -11.46 12.45
CA HIS C 151 -3.52 -12.67 11.93
C HIS C 151 -3.38 -12.79 10.42
N MET C 152 -3.57 -11.67 9.72
CA MET C 152 -3.43 -11.68 8.27
C MET C 152 -2.06 -12.20 7.84
N GLU C 153 -1.00 -11.66 8.43
CA GLU C 153 0.36 -12.08 8.08
C GLU C 153 0.61 -13.55 8.38
N ALA C 154 0.16 -13.98 9.56
CA ALA C 154 0.34 -15.36 10.00
C ALA C 154 -0.42 -16.35 9.13
N THR C 155 -1.56 -15.90 8.61
CA THR C 155 -2.40 -16.74 7.78
C THR C 155 -1.88 -16.88 6.36
N GLY C 156 -1.46 -15.77 5.77
CA GLY C 156 -0.95 -15.82 4.42
C GLY C 156 -1.98 -16.23 3.38
N VAL C 157 -1.53 -16.35 2.13
CA VAL C 157 -2.41 -16.72 1.04
C VAL C 157 -1.77 -17.84 0.21
N ARG C 158 -2.60 -18.73 -0.31
CA ARG C 158 -2.11 -19.84 -1.10
C ARG C 158 -1.65 -19.41 -2.49
N LEU C 159 -0.66 -20.12 -3.03
CA LEU C 159 -0.16 -19.81 -4.36
C LEU C 159 -0.04 -21.08 -5.19
N ASP C 160 -0.30 -20.97 -6.48
CA ASP C 160 -0.20 -22.11 -7.38
C ASP C 160 1.25 -22.18 -7.90
N VAL C 161 2.12 -22.77 -7.09
CA VAL C 161 3.55 -22.90 -7.40
C VAL C 161 3.94 -23.53 -8.74
N ALA C 162 3.37 -24.69 -9.04
CA ALA C 162 3.70 -25.38 -10.28
C ALA C 162 3.23 -24.55 -11.48
N TYR C 163 2.19 -23.74 -11.26
CA TYR C 163 1.63 -22.89 -12.31
C TYR C 163 2.66 -21.83 -12.71
N LEU C 164 3.15 -21.07 -11.74
CA LEU C 164 4.15 -20.05 -12.01
C LEU C 164 5.47 -20.68 -12.50
N ARG C 165 5.75 -21.86 -11.97
CA ARG C 165 6.95 -22.61 -12.32
C ARG C 165 6.95 -22.81 -13.84
N ALA C 166 5.84 -23.29 -14.37
CA ALA C 166 5.72 -23.54 -15.81
C ALA C 166 5.58 -22.25 -16.62
N LEU C 167 4.95 -21.25 -16.03
CA LEU C 167 4.76 -19.95 -16.69
C LEU C 167 6.14 -19.35 -16.99
N SER C 168 7.06 -19.55 -16.04
CA SER C 168 8.42 -19.04 -16.15
C SER C 168 9.15 -19.53 -17.41
N LEU C 169 9.11 -20.84 -17.64
CA LEU C 169 9.77 -21.44 -18.78
C LEU C 169 9.21 -20.87 -20.09
N GLU C 170 7.90 -20.68 -20.11
CA GLU C 170 7.18 -20.15 -21.25
C GLU C 170 7.59 -18.72 -21.58
N VAL C 171 7.60 -17.87 -20.56
CA VAL C 171 7.96 -16.47 -20.75
C VAL C 171 9.43 -16.31 -21.11
N ALA C 172 10.28 -17.14 -20.50
CA ALA C 172 11.70 -17.08 -20.79
C ALA C 172 11.89 -17.17 -22.31
N GLU C 173 11.15 -18.08 -22.94
CA GLU C 173 11.24 -18.26 -24.39
C GLU C 173 10.81 -17.02 -25.15
N GLU C 174 9.76 -16.35 -24.69
CA GLU C 174 9.30 -15.14 -25.35
C GLU C 174 10.31 -14.02 -25.16
N ILE C 175 10.92 -13.96 -23.98
CA ILE C 175 11.92 -12.93 -23.71
C ILE C 175 13.08 -13.15 -24.67
N ALA C 176 13.43 -14.40 -24.88
CA ALA C 176 14.52 -14.72 -25.79
C ALA C 176 14.26 -14.19 -27.19
N ARG C 177 13.05 -14.38 -27.72
CA ARG C 177 12.71 -13.91 -29.06
C ARG C 177 12.77 -12.39 -29.17
N LEU C 178 12.39 -11.71 -28.08
CA LEU C 178 12.39 -10.25 -28.05
C LEU C 178 13.80 -9.68 -27.96
N GLU C 179 14.63 -10.18 -27.05
CA GLU C 179 15.98 -9.64 -26.96
C GLU C 179 16.70 -9.91 -28.27
N ALA C 180 16.52 -11.11 -28.82
CA ALA C 180 17.16 -11.49 -30.08
C ALA C 180 16.82 -10.52 -31.21
N GLU C 181 15.57 -10.08 -31.27
CA GLU C 181 15.14 -9.13 -32.30
C GLU C 181 15.77 -7.77 -32.04
N VAL C 182 15.73 -7.33 -30.80
CA VAL C 182 16.31 -6.05 -30.44
C VAL C 182 17.75 -6.03 -30.92
N PHE C 183 18.50 -7.08 -30.60
CA PHE C 183 19.89 -7.14 -31.00
C PHE C 183 20.05 -7.08 -32.52
N ARG C 184 19.19 -7.78 -33.25
CA ARG C 184 19.27 -7.75 -34.71
C ARG C 184 19.08 -6.32 -35.20
N LEU C 185 18.08 -5.62 -34.64
CA LEU C 185 17.78 -4.25 -35.03
C LEU C 185 18.89 -3.28 -34.66
N ALA C 186 19.53 -3.50 -33.53
CA ALA C 186 20.61 -2.62 -33.10
C ALA C 186 21.85 -2.98 -33.92
N GLY C 187 21.91 -4.24 -34.33
CA GLY C 187 23.03 -4.72 -35.12
C GLY C 187 24.14 -5.31 -34.26
N HIS C 188 23.89 -5.45 -32.97
CA HIS C 188 24.86 -6.03 -32.05
C HIS C 188 24.26 -6.20 -30.66
N PRO C 189 24.69 -7.24 -29.93
CA PRO C 189 24.19 -7.52 -28.59
C PRO C 189 24.72 -6.54 -27.56
N PHE C 190 23.97 -6.37 -26.49
CA PHE C 190 24.37 -5.50 -25.38
C PHE C 190 23.43 -5.87 -24.24
N ASN C 191 23.71 -5.42 -23.03
CA ASN C 191 22.83 -5.75 -21.93
C ASN C 191 21.57 -4.91 -22.00
N LEU C 192 20.47 -5.53 -22.42
CA LEU C 192 19.20 -4.83 -22.54
C LEU C 192 18.65 -4.38 -21.19
N ASN C 193 19.10 -5.02 -20.11
CA ASN C 193 18.62 -4.64 -18.79
C ASN C 193 19.28 -3.36 -18.29
N SER C 194 20.34 -2.95 -18.97
CA SER C 194 21.09 -1.75 -18.62
C SER C 194 20.55 -0.50 -19.31
N ARG C 195 19.97 0.41 -18.53
CA ARG C 195 19.42 1.63 -19.10
C ARG C 195 20.52 2.44 -19.80
N ASP C 196 21.71 2.47 -19.21
CA ASP C 196 22.83 3.22 -19.80
C ASP C 196 23.21 2.70 -21.19
N GLN C 197 23.36 1.38 -21.31
CA GLN C 197 23.70 0.79 -22.59
C GLN C 197 22.58 1.00 -23.60
N LEU C 198 21.33 1.04 -23.14
CA LEU C 198 20.23 1.25 -24.06
C LEU C 198 20.17 2.71 -24.51
N GLU C 199 20.64 3.61 -23.65
CA GLU C 199 20.64 5.03 -23.97
C GLU C 199 21.51 5.27 -25.19
N ARG C 200 22.75 4.79 -25.10
CA ARG C 200 23.72 4.94 -26.20
C ARG C 200 23.15 4.37 -27.48
N VAL C 201 22.69 3.12 -27.42
CA VAL C 201 22.12 2.46 -28.57
C VAL C 201 21.00 3.24 -29.23
N LEU C 202 20.10 3.78 -28.43
CA LEU C 202 18.97 4.52 -28.98
C LEU C 202 19.30 5.89 -29.49
N PHE C 203 19.96 6.67 -28.65
CA PHE C 203 20.27 8.05 -28.98
C PHE C 203 21.58 8.35 -29.73
N ASP C 204 22.58 7.49 -29.60
CA ASP C 204 23.84 7.69 -30.32
C ASP C 204 23.91 6.82 -31.57
N GLU C 205 23.94 5.51 -31.38
CA GLU C 205 24.00 4.60 -32.53
C GLU C 205 22.83 4.85 -33.46
N LEU C 206 21.61 4.71 -32.96
CA LEU C 206 20.45 4.98 -33.77
C LEU C 206 20.28 6.50 -33.62
N GLY C 207 19.52 7.12 -34.51
CA GLY C 207 19.37 8.56 -34.41
C GLY C 207 18.08 9.02 -33.80
N LEU C 208 17.64 8.32 -32.76
CA LEU C 208 16.39 8.67 -32.11
C LEU C 208 16.54 9.91 -31.24
N PRO C 209 15.62 10.87 -31.40
CA PRO C 209 15.66 12.10 -30.61
C PRO C 209 15.30 11.82 -29.15
N ALA C 210 16.10 12.35 -28.22
CA ALA C 210 15.81 12.16 -26.81
C ALA C 210 14.53 12.95 -26.53
N ILE C 211 13.68 12.44 -25.63
CA ILE C 211 12.43 13.11 -25.29
C ILE C 211 12.47 13.72 -23.89
N GLY C 212 13.22 13.10 -22.99
CA GLY C 212 13.31 13.60 -21.63
C GLY C 212 14.57 13.16 -20.91
N LYS C 213 14.75 13.66 -19.68
CA LYS C 213 15.93 13.36 -18.87
C LYS C 213 15.57 12.77 -17.51
N THR C 214 16.52 12.07 -16.91
CA THR C 214 16.33 11.47 -15.60
C THR C 214 16.51 12.56 -14.54
N GLU C 215 15.85 12.38 -13.40
CA GLU C 215 15.87 13.36 -12.33
C GLU C 215 17.18 13.73 -11.61
N LYS C 216 17.95 12.75 -11.15
CA LYS C 216 19.20 13.02 -10.42
C LYS C 216 20.51 13.09 -11.21
N THR C 217 20.57 12.37 -12.33
CA THR C 217 21.80 12.35 -13.11
C THR C 217 21.70 13.02 -14.46
N GLY C 218 20.51 13.50 -14.82
CA GLY C 218 20.35 14.17 -16.09
C GLY C 218 20.63 13.36 -17.34
N LYS C 219 20.61 12.04 -17.24
CA LYS C 219 20.84 11.22 -18.43
C LYS C 219 19.58 11.21 -19.28
N ARG C 220 19.74 10.89 -20.55
CA ARG C 220 18.62 10.83 -21.47
C ARG C 220 17.76 9.62 -21.08
N SER C 221 16.52 9.89 -20.66
CA SER C 221 15.62 8.84 -20.22
C SER C 221 15.20 7.83 -21.27
N THR C 222 15.03 6.58 -20.82
CA THR C 222 14.59 5.48 -21.67
C THR C 222 13.31 4.90 -21.10
N SER C 223 12.56 5.74 -20.39
CA SER C 223 11.30 5.34 -19.78
C SER C 223 10.31 4.81 -20.79
N ALA C 224 9.35 4.05 -20.30
CA ALA C 224 8.30 3.50 -21.15
C ALA C 224 7.55 4.64 -21.85
N ALA C 225 7.41 5.76 -21.15
CA ALA C 225 6.72 6.93 -21.70
C ALA C 225 7.55 7.54 -22.81
N VAL C 226 8.86 7.61 -22.62
CA VAL C 226 9.74 8.16 -23.63
C VAL C 226 9.69 7.21 -24.83
N LEU C 227 9.62 5.92 -24.55
CA LEU C 227 9.54 4.92 -25.61
C LEU C 227 8.21 4.98 -26.36
N GLU C 228 7.14 5.39 -25.68
CA GLU C 228 5.83 5.50 -26.31
C GLU C 228 5.98 6.48 -27.47
N ALA C 229 6.51 7.65 -27.13
CA ALA C 229 6.73 8.73 -28.08
C ALA C 229 7.57 8.32 -29.29
N LEU C 230 8.39 7.30 -29.12
CA LEU C 230 9.26 6.82 -30.19
C LEU C 230 8.80 5.50 -30.80
N ARG C 231 7.63 5.05 -30.40
CA ARG C 231 7.08 3.79 -30.87
C ARG C 231 7.09 3.67 -32.39
N GLU C 232 6.89 4.80 -33.07
CA GLU C 232 6.84 4.79 -34.51
C GLU C 232 8.07 5.34 -35.21
N ALA C 233 9.08 5.72 -34.43
CA ALA C 233 10.29 6.26 -35.00
C ALA C 233 11.24 5.15 -35.45
N HIS C 234 11.09 3.97 -34.85
CA HIS C 234 11.96 2.84 -35.18
C HIS C 234 11.33 1.53 -34.71
N PRO C 235 11.49 0.45 -35.50
CA PRO C 235 10.95 -0.87 -35.18
C PRO C 235 11.44 -1.49 -33.88
N ILE C 236 12.61 -1.09 -33.42
CA ILE C 236 13.18 -1.65 -32.20
C ILE C 236 12.49 -1.22 -30.90
N VAL C 237 11.80 -0.08 -30.93
CA VAL C 237 11.13 0.44 -29.74
C VAL C 237 10.00 -0.40 -29.19
N GLU C 238 9.12 -0.90 -30.06
CA GLU C 238 8.01 -1.74 -29.61
C GLU C 238 8.61 -2.97 -28.94
N LYS C 239 9.60 -3.56 -29.60
CA LYS C 239 10.29 -4.73 -29.07
C LYS C 239 10.78 -4.53 -27.64
N ILE C 240 11.47 -3.42 -27.40
CA ILE C 240 12.00 -3.13 -26.08
C ILE C 240 10.87 -3.00 -25.07
N LEU C 241 9.75 -2.41 -25.49
CA LEU C 241 8.62 -2.25 -24.62
C LEU C 241 8.06 -3.59 -24.15
N GLN C 242 8.03 -4.57 -25.03
CA GLN C 242 7.51 -5.89 -24.66
C GLN C 242 8.53 -6.62 -23.79
N TYR C 243 9.81 -6.43 -24.10
CA TYR C 243 10.89 -7.04 -23.33
C TYR C 243 10.77 -6.52 -21.89
N ARG C 244 10.64 -5.19 -21.77
CA ARG C 244 10.50 -4.52 -20.47
C ARG C 244 9.35 -5.12 -19.68
N GLU C 245 8.23 -5.34 -20.35
CA GLU C 245 7.06 -5.91 -19.68
C GLU C 245 7.35 -7.31 -19.16
N LEU C 246 7.73 -8.21 -20.06
CA LEU C 246 8.00 -9.59 -19.68
C LEU C 246 9.04 -9.78 -18.60
N THR C 247 10.17 -9.09 -18.71
CA THR C 247 11.21 -9.23 -17.71
C THR C 247 10.79 -8.61 -16.37
N LYS C 248 10.02 -7.53 -16.43
CA LYS C 248 9.56 -6.91 -15.20
C LYS C 248 8.73 -7.97 -14.44
N LEU C 249 7.74 -8.53 -15.12
CA LEU C 249 6.86 -9.53 -14.51
C LEU C 249 7.61 -10.79 -14.07
N LYS C 250 8.43 -11.32 -14.97
CA LYS C 250 9.22 -12.51 -14.69
C LYS C 250 10.08 -12.40 -13.42
N SER C 251 10.98 -11.42 -13.41
CA SER C 251 11.90 -11.23 -12.30
C SER C 251 11.28 -10.72 -11.02
N THR C 252 10.17 -9.99 -11.13
CA THR C 252 9.54 -9.44 -9.95
C THR C 252 8.48 -10.33 -9.32
N TYR C 253 7.76 -11.11 -10.14
CA TYR C 253 6.72 -11.97 -9.59
C TYR C 253 6.86 -13.43 -9.95
N ILE C 254 6.92 -13.72 -11.25
CA ILE C 254 7.02 -15.09 -11.71
C ILE C 254 8.07 -15.96 -11.03
N ASP C 255 9.32 -15.51 -10.96
CA ASP C 255 10.36 -16.33 -10.35
C ASP C 255 10.51 -16.26 -8.83
N PRO C 256 10.52 -15.05 -8.24
CA PRO C 256 10.67 -14.94 -6.79
C PRO C 256 9.55 -15.51 -5.89
N LEU C 257 8.29 -15.32 -6.29
CA LEU C 257 7.16 -15.80 -5.46
C LEU C 257 7.17 -17.28 -5.06
N PRO C 258 7.33 -18.19 -6.03
CA PRO C 258 7.36 -19.61 -5.68
C PRO C 258 8.40 -19.97 -4.63
N ASP C 259 9.48 -19.20 -4.56
CA ASP C 259 10.53 -19.48 -3.57
C ASP C 259 10.28 -18.90 -2.17
N LEU C 260 9.22 -18.14 -2.02
CA LEU C 260 8.89 -17.53 -0.73
C LEU C 260 7.81 -18.27 0.01
N ILE C 261 7.46 -19.45 -0.49
CA ILE C 261 6.43 -20.29 0.13
C ILE C 261 6.97 -20.87 1.43
N HIS C 262 6.34 -20.53 2.54
CA HIS C 262 6.76 -21.03 3.83
C HIS C 262 6.45 -22.54 3.90
N PRO C 263 7.39 -23.33 4.43
CA PRO C 263 7.25 -24.79 4.57
C PRO C 263 6.11 -25.26 5.49
N ARG C 264 5.97 -24.62 6.65
CA ARG C 264 4.93 -24.98 7.61
C ARG C 264 3.52 -24.59 7.20
N THR C 265 3.36 -23.80 6.14
CA THR C 265 2.03 -23.38 5.73
C THR C 265 1.74 -23.62 4.25
N GLY C 266 2.77 -23.60 3.43
CA GLY C 266 2.57 -23.79 2.00
C GLY C 266 1.84 -22.59 1.42
N ARG C 267 1.94 -21.47 2.13
CA ARG C 267 1.29 -20.23 1.72
C ARG C 267 2.33 -19.09 1.73
N LEU C 268 2.00 -17.98 1.07
CA LEU C 268 2.87 -16.81 1.02
C LEU C 268 2.51 -15.86 2.16
N HIS C 269 3.51 -15.45 2.93
CA HIS C 269 3.25 -14.54 4.04
C HIS C 269 3.90 -13.18 3.88
N THR C 270 3.06 -12.19 3.64
CA THR C 270 3.50 -10.82 3.45
C THR C 270 3.56 -10.07 4.76
N ARG C 271 4.31 -8.98 4.76
CA ARG C 271 4.45 -8.11 5.91
C ARG C 271 3.43 -7.00 5.67
N PHE C 272 2.71 -6.60 6.71
CA PHE C 272 1.79 -5.49 6.58
C PHE C 272 2.30 -4.40 7.52
N ASN C 273 3.05 -3.47 6.94
CA ASN C 273 3.67 -2.36 7.65
C ASN C 273 2.70 -1.27 8.00
N GLN C 274 2.56 -1.05 9.30
CA GLN C 274 1.62 -0.08 9.80
C GLN C 274 2.14 1.35 9.99
N THR C 275 3.45 1.55 9.95
CA THR C 275 3.99 2.91 10.14
C THR C 275 5.05 3.21 9.08
N ALA C 276 4.66 3.12 7.81
CA ALA C 276 5.62 3.34 6.73
C ALA C 276 5.20 4.37 5.67
N THR C 277 4.01 4.94 5.82
CA THR C 277 3.51 5.91 4.84
C THR C 277 3.20 7.27 5.47
N ALA C 278 3.34 8.32 4.68
CA ALA C 278 3.08 9.67 5.16
C ALA C 278 1.59 10.08 5.17
N THR C 279 0.74 9.27 4.57
CA THR C 279 -0.70 9.57 4.51
C THR C 279 -1.54 8.71 5.44
N GLY C 280 -0.95 7.63 5.96
CA GLY C 280 -1.69 6.76 6.84
C GLY C 280 -2.06 5.44 6.20
N ARG C 281 -1.63 5.22 4.96
CA ARG C 281 -1.92 3.95 4.31
C ARG C 281 -0.89 2.96 4.81
N LEU C 282 -1.18 1.67 4.62
CA LEU C 282 -0.26 0.61 5.02
C LEU C 282 0.60 0.31 3.79
N SER C 283 1.51 -0.66 3.92
CA SER C 283 2.33 -1.09 2.80
C SER C 283 2.71 -2.56 3.05
N SER C 284 3.04 -3.29 1.98
CA SER C 284 3.45 -4.68 2.09
C SER C 284 4.92 -4.77 1.71
N SER C 285 5.67 -5.57 2.46
CA SER C 285 7.11 -5.71 2.22
C SER C 285 7.47 -7.16 2.04
N ASP C 286 8.72 -7.37 1.64
CA ASP C 286 9.21 -8.70 1.41
C ASP C 286 8.15 -9.07 0.43
N PRO C 287 7.42 -10.16 0.64
CA PRO C 287 6.49 -10.24 -0.48
C PRO C 287 5.56 -9.02 -0.40
N ASN C 288 5.75 -8.05 -1.29
CA ASN C 288 4.84 -6.92 -1.31
C ASN C 288 3.72 -7.44 -2.20
N LEU C 289 2.58 -7.71 -1.59
CA LEU C 289 1.45 -8.24 -2.32
C LEU C 289 0.41 -7.20 -2.65
N GLN C 290 0.79 -5.93 -2.51
CA GLN C 290 -0.10 -4.83 -2.84
C GLN C 290 0.16 -4.34 -4.26
N ASN C 291 1.12 -4.96 -4.96
CA ASN C 291 1.38 -4.55 -6.34
C ASN C 291 1.38 -5.72 -7.32
N ILE C 292 0.62 -6.77 -7.00
CA ILE C 292 0.52 -7.93 -7.87
C ILE C 292 -0.14 -7.45 -9.17
N PRO C 293 0.40 -7.87 -10.33
CA PRO C 293 -0.09 -7.50 -11.67
C PRO C 293 -1.58 -7.69 -11.91
N VAL C 294 -2.13 -6.93 -12.85
CA VAL C 294 -3.55 -7.04 -13.13
C VAL C 294 -3.97 -6.41 -14.48
N ARG C 295 -3.16 -5.48 -14.98
CA ARG C 295 -3.43 -4.80 -16.24
C ARG C 295 -3.29 -5.61 -17.53
N THR C 296 -2.09 -6.10 -17.79
CA THR C 296 -1.83 -6.84 -19.01
C THR C 296 -2.22 -8.30 -18.93
N PRO C 297 -2.31 -8.96 -20.10
CA PRO C 297 -2.67 -10.38 -20.19
C PRO C 297 -1.75 -11.25 -19.34
N LEU C 298 -0.46 -10.99 -19.37
CA LEU C 298 0.47 -11.78 -18.55
C LEU C 298 0.32 -11.40 -17.10
N GLY C 299 -0.04 -10.14 -16.85
CA GLY C 299 -0.23 -9.70 -15.49
C GLY C 299 -1.39 -10.48 -14.88
N GLN C 300 -2.47 -10.60 -15.65
CA GLN C 300 -3.66 -11.34 -15.24
C GLN C 300 -3.34 -12.82 -15.00
N ARG C 301 -2.46 -13.38 -15.82
CA ARG C 301 -2.07 -14.79 -15.69
C ARG C 301 -1.36 -15.03 -14.38
N ILE C 302 -0.68 -14.00 -13.91
CA ILE C 302 0.06 -14.08 -12.66
C ILE C 302 -0.91 -14.00 -11.49
N ARG C 303 -1.85 -13.06 -11.54
CA ARG C 303 -2.81 -12.92 -10.45
C ARG C 303 -3.64 -14.18 -10.28
N ARG C 304 -3.91 -14.88 -11.38
CA ARG C 304 -4.67 -16.12 -11.34
C ARG C 304 -3.98 -17.15 -10.45
N ALA C 305 -2.70 -16.93 -10.12
CA ALA C 305 -1.94 -17.85 -9.27
C ALA C 305 -2.31 -17.78 -7.79
N PHE C 306 -2.92 -16.68 -7.36
CA PHE C 306 -3.32 -16.55 -5.96
C PHE C 306 -4.67 -17.22 -5.85
N ILE C 307 -4.67 -18.37 -5.18
CA ILE C 307 -5.85 -19.21 -5.04
C ILE C 307 -6.28 -19.51 -3.60
N ALA C 308 -7.53 -19.94 -3.45
CA ALA C 308 -8.06 -20.31 -2.15
C ALA C 308 -7.70 -21.76 -1.86
N GLU C 309 -7.60 -22.10 -0.58
CA GLU C 309 -7.30 -23.46 -0.15
C GLU C 309 -8.47 -24.31 -0.64
N GLU C 310 -8.23 -25.60 -0.87
CA GLU C 310 -9.31 -26.49 -1.32
C GLU C 310 -10.52 -26.36 -0.40
N GLY C 311 -11.71 -26.32 -0.97
CA GLY C 311 -12.91 -26.22 -0.18
C GLY C 311 -13.24 -24.83 0.32
N TRP C 312 -12.46 -23.85 -0.11
CA TRP C 312 -12.68 -22.48 0.28
C TRP C 312 -12.78 -21.63 -0.96
N LEU C 313 -13.11 -20.36 -0.78
CA LEU C 313 -13.22 -19.39 -1.86
C LEU C 313 -12.65 -18.06 -1.41
N LEU C 314 -12.08 -17.33 -2.36
CA LEU C 314 -11.54 -16.01 -2.05
C LEU C 314 -12.68 -15.02 -2.24
N VAL C 315 -12.76 -14.05 -1.35
CA VAL C 315 -13.79 -13.03 -1.46
C VAL C 315 -13.06 -11.70 -1.58
N ALA C 316 -13.26 -11.00 -2.68
CA ALA C 316 -12.59 -9.73 -2.89
C ALA C 316 -13.58 -8.58 -2.87
N LEU C 317 -13.33 -7.61 -2.01
CA LEU C 317 -14.18 -6.44 -1.88
C LEU C 317 -13.34 -5.19 -2.17
N ASP C 318 -13.93 -4.24 -2.88
CA ASP C 318 -13.22 -3.03 -3.26
C ASP C 318 -14.15 -1.82 -3.33
N TYR C 319 -13.81 -0.75 -2.60
CA TYR C 319 -14.62 0.47 -2.57
C TYR C 319 -14.70 1.12 -3.95
N SER C 320 -15.90 1.51 -4.36
CA SER C 320 -16.08 2.13 -5.65
C SER C 320 -15.66 3.60 -5.67
N GLN C 321 -14.83 3.96 -6.64
CA GLN C 321 -14.38 5.35 -6.81
C GLN C 321 -14.04 5.94 -5.47
N ILE C 322 -13.50 5.12 -4.58
CA ILE C 322 -13.22 5.54 -3.22
C ILE C 322 -12.74 6.96 -3.01
N GLU C 323 -11.62 7.34 -3.61
CA GLU C 323 -11.13 8.70 -3.37
C GLU C 323 -11.94 9.85 -3.94
N LEU C 324 -12.88 9.56 -4.84
CA LEU C 324 -13.72 10.62 -5.37
C LEU C 324 -14.84 10.89 -4.36
N ARG C 325 -15.40 9.82 -3.79
CA ARG C 325 -16.46 9.95 -2.80
C ARG C 325 -15.94 10.70 -1.56
N VAL C 326 -14.68 10.45 -1.22
CA VAL C 326 -14.06 11.10 -0.07
C VAL C 326 -13.95 12.60 -0.36
N LEU C 327 -13.48 12.92 -1.56
CA LEU C 327 -13.33 14.31 -1.97
C LEU C 327 -14.67 15.07 -1.88
N ALA C 328 -15.76 14.42 -2.25
CA ALA C 328 -17.08 15.05 -2.21
C ALA C 328 -17.42 15.42 -0.77
N HIS C 329 -17.13 14.51 0.15
CA HIS C 329 -17.39 14.73 1.55
C HIS C 329 -16.46 15.78 2.15
N LEU C 330 -15.20 15.81 1.70
CA LEU C 330 -14.23 16.79 2.22
C LEU C 330 -14.46 18.18 1.67
N SER C 331 -14.73 18.26 0.37
CA SER C 331 -14.92 19.53 -0.30
C SER C 331 -16.32 20.09 -0.10
N GLY C 332 -17.29 19.21 0.10
CA GLY C 332 -18.66 19.66 0.28
C GLY C 332 -19.28 20.07 -1.04
N ASP C 333 -18.65 19.70 -2.16
CA ASP C 333 -19.16 20.04 -3.49
C ASP C 333 -20.45 19.32 -3.82
N GLU C 334 -21.56 20.04 -3.78
CA GLU C 334 -22.86 19.43 -4.04
C GLU C 334 -23.01 18.78 -5.42
N ASN C 335 -22.35 19.34 -6.43
CA ASN C 335 -22.44 18.77 -7.77
C ASN C 335 -21.78 17.39 -7.78
N LEU C 336 -20.71 17.24 -7.02
CA LEU C 336 -19.99 15.97 -6.94
C LEU C 336 -20.74 14.97 -6.05
N ILE C 337 -21.38 15.47 -4.98
CA ILE C 337 -22.11 14.56 -4.12
C ILE C 337 -23.35 14.08 -4.88
N ARG C 338 -23.85 14.92 -5.77
CA ARG C 338 -25.02 14.56 -6.56
C ARG C 338 -24.65 13.45 -7.53
N VAL C 339 -23.41 13.49 -8.00
CA VAL C 339 -22.92 12.45 -8.91
C VAL C 339 -23.17 11.09 -8.30
N PHE C 340 -22.75 10.93 -7.05
CA PHE C 340 -22.90 9.67 -6.35
C PHE C 340 -24.34 9.44 -5.90
N GLN C 341 -24.98 10.49 -5.37
CA GLN C 341 -26.39 10.37 -4.97
C GLN C 341 -27.20 9.92 -6.16
N GLU C 342 -26.65 10.13 -7.37
CA GLU C 342 -27.33 9.74 -8.60
C GLU C 342 -26.73 8.48 -9.22
N GLY C 343 -25.93 7.75 -8.45
CA GLY C 343 -25.33 6.52 -8.94
C GLY C 343 -24.42 6.58 -10.16
N ARG C 344 -23.85 7.74 -10.45
CA ARG C 344 -22.97 7.86 -11.61
C ARG C 344 -21.57 7.32 -11.33
N ASP C 345 -20.73 7.31 -12.36
CA ASP C 345 -19.36 6.82 -12.25
C ASP C 345 -18.45 7.67 -13.14
N ILE C 346 -17.60 8.49 -12.52
CA ILE C 346 -16.70 9.36 -13.25
C ILE C 346 -15.69 8.61 -14.12
N HIS C 347 -15.28 7.42 -13.69
CA HIS C 347 -14.32 6.64 -14.46
C HIS C 347 -14.92 6.18 -15.78
N THR C 348 -16.14 5.66 -15.72
CA THR C 348 -16.82 5.21 -16.93
C THR C 348 -17.05 6.41 -17.85
N GLU C 349 -17.43 7.54 -17.25
CA GLU C 349 -17.67 8.76 -18.00
C GLU C 349 -16.42 9.29 -18.70
N THR C 350 -15.29 9.31 -17.98
CA THR C 350 -14.05 9.75 -18.59
C THR C 350 -13.64 8.76 -19.67
N ALA C 351 -13.85 7.47 -19.41
CA ALA C 351 -13.51 6.45 -20.39
C ALA C 351 -14.30 6.66 -21.68
N SER C 352 -15.59 6.92 -21.54
CA SER C 352 -16.44 7.15 -22.70
C SER C 352 -15.82 8.23 -23.56
N TRP C 353 -15.42 9.32 -22.91
CA TRP C 353 -14.78 10.44 -23.59
C TRP C 353 -13.49 10.02 -24.26
N MET C 354 -12.60 9.42 -23.48
CA MET C 354 -11.31 8.99 -23.99
C MET C 354 -11.35 8.16 -25.27
N PHE C 355 -12.15 7.10 -25.29
CA PHE C 355 -12.23 6.24 -26.46
C PHE C 355 -13.32 6.59 -27.46
N GLY C 356 -14.09 7.63 -27.18
CA GLY C 356 -15.15 8.01 -28.10
C GLY C 356 -16.15 6.88 -28.27
N VAL C 357 -16.66 6.37 -27.16
CA VAL C 357 -17.65 5.30 -27.20
C VAL C 357 -18.68 5.57 -26.12
N PRO C 358 -19.95 5.19 -26.37
CA PRO C 358 -21.01 5.40 -25.38
C PRO C 358 -20.65 4.66 -24.08
N ARG C 359 -21.04 5.22 -22.94
CA ARG C 359 -20.72 4.60 -21.66
C ARG C 359 -20.80 3.08 -21.73
N GLU C 360 -22.00 2.57 -21.98
CA GLU C 360 -22.24 1.13 -22.04
C GLU C 360 -21.31 0.30 -22.93
N ALA C 361 -20.29 0.94 -23.52
CA ALA C 361 -19.35 0.22 -24.37
C ALA C 361 -17.96 0.16 -23.73
N VAL C 362 -17.80 0.87 -22.62
CA VAL C 362 -16.54 0.92 -21.88
C VAL C 362 -16.30 -0.40 -21.16
N ASP C 363 -15.13 -1.02 -21.37
CA ASP C 363 -14.86 -2.26 -20.67
C ASP C 363 -14.01 -1.96 -19.45
N PRO C 364 -13.77 -2.97 -18.58
CA PRO C 364 -12.96 -2.75 -17.39
C PRO C 364 -11.56 -2.22 -17.67
N LEU C 365 -10.97 -2.64 -18.78
CA LEU C 365 -9.63 -2.18 -19.12
C LEU C 365 -9.65 -0.71 -19.50
N MET C 366 -10.65 -0.29 -20.27
CA MET C 366 -10.77 1.11 -20.67
C MET C 366 -11.04 1.98 -19.44
N ARG C 367 -11.88 1.47 -18.54
CA ARG C 367 -12.24 2.19 -17.33
C ARG C 367 -11.00 2.35 -16.46
N ARG C 368 -10.18 1.31 -16.40
CA ARG C 368 -8.96 1.35 -15.61
C ARG C 368 -8.04 2.46 -16.12
N ALA C 369 -7.97 2.61 -17.43
CA ALA C 369 -7.14 3.65 -18.01
C ALA C 369 -7.66 5.02 -17.57
N ALA C 370 -8.97 5.18 -17.57
CA ALA C 370 -9.59 6.44 -17.18
C ALA C 370 -9.34 6.82 -15.70
N LYS C 371 -9.16 5.83 -14.83
CA LYS C 371 -8.92 6.14 -13.42
C LYS C 371 -7.61 6.84 -13.22
N THR C 372 -6.58 6.39 -13.91
CA THR C 372 -5.28 7.03 -13.78
C THR C 372 -5.45 8.49 -14.24
N ILE C 373 -6.22 8.69 -15.31
CA ILE C 373 -6.45 10.04 -15.82
C ILE C 373 -7.22 10.89 -14.83
N ASN C 374 -8.36 10.39 -14.33
CA ASN C 374 -9.13 11.17 -13.38
C ASN C 374 -8.29 11.54 -12.15
N PHE C 375 -7.60 10.57 -11.57
CA PHE C 375 -6.77 10.85 -10.40
C PHE C 375 -5.53 11.66 -10.74
N GLY C 376 -5.04 11.50 -11.96
CA GLY C 376 -3.87 12.26 -12.37
C GLY C 376 -4.22 13.74 -12.41
N VAL C 377 -5.34 14.05 -13.04
CA VAL C 377 -5.81 15.42 -13.17
C VAL C 377 -6.20 16.01 -11.81
N LEU C 378 -6.93 15.23 -11.02
CA LEU C 378 -7.37 15.70 -9.72
C LEU C 378 -6.15 16.16 -8.92
N TYR C 379 -5.21 15.25 -8.74
CA TYR C 379 -4.02 15.52 -7.97
C TYR C 379 -2.92 16.39 -8.58
N GLY C 380 -3.16 16.95 -9.77
CA GLY C 380 -2.15 17.84 -10.32
C GLY C 380 -1.44 17.63 -11.66
N MET C 381 -1.76 16.57 -12.39
CA MET C 381 -1.12 16.33 -13.69
C MET C 381 -1.19 17.58 -14.57
N SER C 382 -0.13 17.83 -15.35
CA SER C 382 -0.08 19.00 -16.24
C SER C 382 -0.75 18.73 -17.59
N ALA C 383 -1.25 19.78 -18.20
CA ALA C 383 -1.89 19.69 -19.51
C ALA C 383 -0.91 19.01 -20.46
N HIS C 384 0.35 19.41 -20.37
CA HIS C 384 1.40 18.88 -21.22
C HIS C 384 1.48 17.35 -21.18
N ARG C 385 1.63 16.80 -19.97
CA ARG C 385 1.69 15.35 -19.82
C ARG C 385 0.38 14.70 -20.24
N LEU C 386 -0.73 15.32 -19.88
CA LEU C 386 -2.04 14.77 -20.22
C LEU C 386 -2.21 14.70 -21.74
N SER C 387 -1.78 15.76 -22.44
CA SER C 387 -1.91 15.77 -23.89
C SER C 387 -1.02 14.68 -24.46
N GLN C 388 0.19 14.59 -23.94
CA GLN C 388 1.14 13.59 -24.41
C GLN C 388 0.53 12.20 -24.27
N GLU C 389 0.18 11.84 -23.03
CA GLU C 389 -0.38 10.53 -22.73
C GLU C 389 -1.60 10.13 -23.53
N LEU C 390 -2.64 10.98 -23.55
CA LEU C 390 -3.83 10.66 -24.31
C LEU C 390 -3.52 10.74 -25.79
N ALA C 391 -2.46 11.45 -26.11
CA ALA C 391 -2.04 11.64 -27.50
C ALA C 391 -2.93 12.65 -28.21
N ILE C 392 -3.35 13.68 -27.48
CA ILE C 392 -4.22 14.71 -28.06
C ILE C 392 -3.49 16.05 -28.01
N PRO C 393 -4.05 17.09 -28.65
CA PRO C 393 -3.41 18.41 -28.64
C PRO C 393 -3.34 18.95 -27.22
N TYR C 394 -2.42 19.89 -27.01
CA TYR C 394 -2.23 20.51 -25.70
C TYR C 394 -3.54 21.18 -25.25
N GLU C 395 -4.16 21.92 -26.17
CA GLU C 395 -5.39 22.63 -25.88
C GLU C 395 -6.55 21.71 -25.52
N GLU C 396 -6.61 20.54 -26.16
CA GLU C 396 -7.68 19.58 -25.87
C GLU C 396 -7.52 19.03 -24.46
N ALA C 397 -6.28 18.83 -24.04
CA ALA C 397 -5.99 18.32 -22.71
C ALA C 397 -6.21 19.43 -21.69
N GLN C 398 -5.87 20.64 -22.07
CA GLN C 398 -6.02 21.81 -21.21
C GLN C 398 -7.50 22.05 -20.94
N ALA C 399 -8.32 21.78 -21.95
CA ALA C 399 -9.77 21.94 -21.85
C ALA C 399 -10.38 20.91 -20.89
N PHE C 400 -9.95 19.66 -21.02
CA PHE C 400 -10.46 18.58 -20.16
C PHE C 400 -10.22 18.95 -18.70
N ILE C 401 -9.01 19.41 -18.40
CA ILE C 401 -8.65 19.80 -17.05
C ILE C 401 -9.55 20.93 -16.55
N GLU C 402 -9.84 21.88 -17.43
CA GLU C 402 -10.69 23.02 -17.08
C GLU C 402 -12.11 22.55 -16.76
N ARG C 403 -12.69 21.78 -17.68
CA ARG C 403 -14.04 21.27 -17.50
C ARG C 403 -14.14 20.44 -16.22
N TYR C 404 -13.14 19.59 -16.01
CA TYR C 404 -13.09 18.72 -14.84
C TYR C 404 -13.32 19.57 -13.58
N PHE C 405 -12.44 20.53 -13.32
CA PHE C 405 -12.62 21.36 -12.14
C PHE C 405 -13.81 22.32 -12.18
N GLN C 406 -14.11 22.88 -13.35
CA GLN C 406 -15.27 23.78 -13.43
C GLN C 406 -16.53 23.00 -13.08
N SER C 407 -16.50 21.69 -13.35
CA SER C 407 -17.63 20.79 -13.09
C SER C 407 -17.87 20.53 -11.61
N PHE C 408 -16.80 20.66 -10.82
CA PHE C 408 -16.85 20.43 -9.39
C PHE C 408 -16.19 21.64 -8.76
N PRO C 409 -16.84 22.81 -8.85
CA PRO C 409 -16.40 24.11 -8.34
C PRO C 409 -15.82 24.16 -6.93
N LYS C 410 -16.43 23.41 -6.02
CA LYS C 410 -15.97 23.39 -4.62
C LYS C 410 -14.61 22.72 -4.38
N VAL C 411 -14.22 21.81 -5.27
CA VAL C 411 -12.94 21.11 -5.10
C VAL C 411 -11.73 22.01 -5.04
N ARG C 412 -11.63 22.96 -5.96
CA ARG C 412 -10.49 23.87 -5.98
C ARG C 412 -10.50 24.75 -4.73
N ALA C 413 -11.68 25.20 -4.31
CA ALA C 413 -11.78 26.03 -3.12
C ALA C 413 -11.29 25.25 -1.91
N TRP C 414 -11.69 23.97 -1.82
CA TRP C 414 -11.26 23.12 -0.72
C TRP C 414 -9.74 22.97 -0.77
N ILE C 415 -9.22 22.70 -1.96
CA ILE C 415 -7.78 22.56 -2.12
C ILE C 415 -7.10 23.82 -1.59
N GLU C 416 -7.57 24.97 -2.05
CA GLU C 416 -7.03 26.26 -1.62
C GLU C 416 -7.06 26.47 -0.11
N LYS C 417 -8.11 25.99 0.55
CA LYS C 417 -8.24 26.14 1.99
C LYS C 417 -7.28 25.19 2.69
N THR C 418 -7.18 23.98 2.15
CA THR C 418 -6.30 22.99 2.75
C THR C 418 -4.87 23.51 2.80
N LEU C 419 -4.48 24.26 1.76
CA LEU C 419 -3.13 24.83 1.69
C LEU C 419 -2.91 26.01 2.64
N GLU C 420 -3.85 26.95 2.69
CA GLU C 420 -3.70 28.10 3.59
C GLU C 420 -3.53 27.58 5.01
N GLU C 421 -4.45 26.74 5.45
CA GLU C 421 -4.37 26.19 6.79
C GLU C 421 -3.07 25.41 6.93
N GLY C 422 -2.68 24.71 5.87
CA GLY C 422 -1.44 23.94 5.91
C GLY C 422 -0.24 24.87 6.10
N ARG C 423 -0.29 26.03 5.47
CA ARG C 423 0.79 27.00 5.60
C ARG C 423 0.88 27.52 7.03
N ARG C 424 -0.26 27.89 7.59
CA ARG C 424 -0.29 28.42 8.95
C ARG C 424 0.12 27.39 10.00
N ARG C 425 -0.65 26.31 10.09
CA ARG C 425 -0.42 25.24 11.06
C ARG C 425 0.85 24.43 10.81
N GLY C 426 1.23 24.29 9.55
CA GLY C 426 2.42 23.54 9.23
C GLY C 426 2.13 22.11 8.83
N TYR C 427 0.87 21.71 8.97
CA TYR C 427 0.49 20.35 8.61
C TYR C 427 -0.94 20.33 8.08
N VAL C 428 -1.32 19.22 7.46
CA VAL C 428 -2.67 19.04 6.95
C VAL C 428 -3.20 17.80 7.67
N GLU C 429 -4.50 17.61 7.67
CA GLU C 429 -5.05 16.46 8.35
C GLU C 429 -6.20 15.82 7.60
N THR C 430 -6.55 14.61 8.02
CA THR C 430 -7.64 13.85 7.42
C THR C 430 -8.95 14.10 8.19
N LEU C 431 -10.03 13.46 7.74
CA LEU C 431 -11.32 13.61 8.38
C LEU C 431 -11.26 13.24 9.84
N PHE C 432 -10.47 12.23 10.17
CA PHE C 432 -10.32 11.78 11.53
C PHE C 432 -9.20 12.52 12.24
N GLY C 433 -8.49 13.37 11.50
CA GLY C 433 -7.42 14.11 12.11
C GLY C 433 -6.05 13.47 12.05
N ARG C 434 -5.80 12.64 11.03
CA ARG C 434 -4.47 12.06 10.91
C ARG C 434 -3.68 13.23 10.34
N ARG C 435 -2.46 13.45 10.82
CA ARG C 435 -1.69 14.58 10.35
C ARG C 435 -0.43 14.23 9.59
N ARG C 436 -0.02 15.16 8.75
CA ARG C 436 1.20 15.04 7.97
C ARG C 436 1.82 16.43 7.92
N TYR C 437 3.03 16.57 8.44
CA TYR C 437 3.68 17.86 8.39
C TYR C 437 4.32 18.11 7.04
N VAL C 438 3.98 19.24 6.42
CA VAL C 438 4.54 19.60 5.13
C VAL C 438 5.15 21.01 5.19
N PRO C 439 6.33 21.14 5.80
CA PRO C 439 7.04 22.41 5.95
C PRO C 439 7.32 23.14 4.63
N ASP C 440 7.67 22.39 3.58
CA ASP C 440 7.96 23.02 2.29
C ASP C 440 6.79 23.79 1.70
N LEU C 441 5.67 23.84 2.41
CA LEU C 441 4.52 24.61 1.92
C LEU C 441 4.90 26.08 1.86
N GLU C 442 6.01 26.42 2.51
CA GLU C 442 6.50 27.78 2.56
C GLU C 442 7.90 27.94 2.00
N ALA C 443 8.37 26.94 1.28
CA ALA C 443 9.69 27.02 0.68
C ALA C 443 9.61 28.23 -0.25
N ARG C 444 10.71 28.94 -0.45
CA ARG C 444 10.69 30.12 -1.31
C ARG C 444 11.05 29.76 -2.76
N VAL C 445 11.03 28.46 -3.08
CA VAL C 445 11.35 27.97 -4.41
C VAL C 445 10.09 27.33 -5.01
N LYS C 446 9.45 27.98 -5.97
CA LYS C 446 8.22 27.45 -6.55
C LYS C 446 8.27 25.96 -6.83
N SER C 447 9.38 25.52 -7.40
CA SER C 447 9.56 24.11 -7.72
C SER C 447 9.26 23.26 -6.49
N VAL C 448 10.00 23.52 -5.41
CA VAL C 448 9.83 22.76 -4.17
C VAL C 448 8.47 23.01 -3.52
N ARG C 449 8.00 24.25 -3.54
CA ARG C 449 6.73 24.60 -2.94
C ARG C 449 5.52 23.91 -3.58
N GLU C 450 5.36 24.04 -4.89
CA GLU C 450 4.22 23.43 -5.56
C GLU C 450 4.23 21.91 -5.46
N ALA C 451 5.40 21.32 -5.40
CA ALA C 451 5.48 19.87 -5.26
C ALA C 451 4.98 19.58 -3.85
N ALA C 452 5.39 20.42 -2.91
CA ALA C 452 4.97 20.26 -1.53
C ALA C 452 3.45 20.39 -1.44
N GLU C 453 2.88 21.33 -2.19
CA GLU C 453 1.44 21.54 -2.16
C GLU C 453 0.68 20.32 -2.69
N ARG C 454 1.16 19.73 -3.79
CA ARG C 454 0.49 18.55 -4.34
C ARG C 454 0.49 17.43 -3.28
N MET C 455 1.61 17.26 -2.59
CA MET C 455 1.70 16.23 -1.55
C MET C 455 0.71 16.61 -0.44
N ALA C 456 0.62 17.91 -0.16
CA ALA C 456 -0.23 18.45 0.88
C ALA C 456 -1.72 18.20 0.70
N PHE C 457 -2.28 18.59 -0.45
CA PHE C 457 -3.71 18.42 -0.58
C PHE C 457 -4.15 17.01 -0.94
N ASN C 458 -3.20 16.14 -1.26
CA ASN C 458 -3.54 14.76 -1.56
C ASN C 458 -3.71 13.97 -0.29
N MET C 459 -2.90 14.29 0.73
CA MET C 459 -2.92 13.57 2.00
C MET C 459 -4.30 13.40 2.67
N PRO C 460 -5.09 14.47 2.76
CA PRO C 460 -6.40 14.32 3.39
C PRO C 460 -7.30 13.31 2.67
N VAL C 461 -7.25 13.33 1.34
CA VAL C 461 -8.07 12.45 0.52
C VAL C 461 -7.61 11.00 0.59
N GLN C 462 -6.31 10.81 0.40
CA GLN C 462 -5.75 9.45 0.44
C GLN C 462 -5.78 8.95 1.88
N GLY C 463 -5.42 9.84 2.80
CA GLY C 463 -5.39 9.48 4.21
C GLY C 463 -6.76 9.12 4.77
N THR C 464 -7.77 9.90 4.41
CA THR C 464 -9.13 9.64 4.88
C THR C 464 -9.63 8.30 4.38
N ALA C 465 -9.35 8.01 3.11
CA ALA C 465 -9.75 6.73 2.54
C ALA C 465 -9.04 5.63 3.33
N ALA C 466 -7.83 5.93 3.77
CA ALA C 466 -7.03 4.97 4.54
C ALA C 466 -7.65 4.73 5.91
N ASP C 467 -8.00 5.82 6.60
CA ASP C 467 -8.63 5.70 7.91
C ASP C 467 -9.85 4.81 7.76
N LEU C 468 -10.67 5.11 6.75
CA LEU C 468 -11.86 4.32 6.46
C LEU C 468 -11.57 2.83 6.28
N MET C 469 -10.62 2.48 5.41
CA MET C 469 -10.31 1.08 5.19
C MET C 469 -9.87 0.40 6.48
N LYS C 470 -9.01 1.07 7.24
CA LYS C 470 -8.54 0.54 8.50
C LYS C 470 -9.67 0.37 9.50
N LEU C 471 -10.55 1.36 9.57
CA LEU C 471 -11.67 1.28 10.50
C LEU C 471 -12.48 0.05 10.15
N ALA C 472 -12.78 -0.10 8.87
CA ALA C 472 -13.57 -1.21 8.34
C ALA C 472 -12.96 -2.56 8.67
N MET C 473 -11.63 -2.64 8.56
CA MET C 473 -10.92 -3.88 8.83
C MET C 473 -11.08 -4.22 10.31
N VAL C 474 -11.07 -3.19 11.14
CA VAL C 474 -11.21 -3.39 12.58
C VAL C 474 -12.62 -3.84 12.97
N LYS C 475 -13.63 -3.37 12.24
CA LYS C 475 -15.00 -3.74 12.53
C LYS C 475 -15.27 -5.12 11.94
N LEU C 476 -14.70 -5.38 10.77
CA LEU C 476 -14.90 -6.64 10.07
C LEU C 476 -14.24 -7.87 10.65
N PHE C 477 -12.98 -7.76 11.07
CA PHE C 477 -12.25 -8.91 11.59
C PHE C 477 -13.03 -9.81 12.58
N PRO C 478 -13.48 -9.26 13.71
CA PRO C 478 -14.21 -10.12 14.65
C PRO C 478 -15.40 -10.85 14.02
N ARG C 479 -16.17 -10.14 13.20
CA ARG C 479 -17.31 -10.78 12.55
C ARG C 479 -16.85 -11.99 11.73
N LEU C 480 -15.69 -11.86 11.08
CA LEU C 480 -15.15 -12.94 10.26
C LEU C 480 -14.71 -14.15 11.08
N GLU C 481 -14.03 -13.92 12.20
CA GLU C 481 -13.57 -15.02 13.04
C GLU C 481 -14.74 -15.90 13.49
N GLU C 482 -15.86 -15.26 13.85
CA GLU C 482 -17.03 -16.00 14.31
C GLU C 482 -17.67 -16.84 13.22
N MET C 483 -17.44 -16.45 11.97
CA MET C 483 -18.00 -17.17 10.83
C MET C 483 -17.02 -18.17 10.23
N GLY C 484 -15.84 -18.29 10.83
CA GLY C 484 -14.86 -19.22 10.30
C GLY C 484 -14.18 -18.71 9.04
N ALA C 485 -14.29 -17.42 8.76
CA ALA C 485 -13.67 -16.82 7.58
C ALA C 485 -12.38 -16.13 8.01
N ARG C 486 -11.52 -15.83 7.05
CA ARG C 486 -10.26 -15.18 7.38
C ARG C 486 -9.93 -14.04 6.43
N MET C 487 -9.22 -13.04 6.96
CA MET C 487 -8.82 -11.89 6.18
C MET C 487 -7.40 -12.18 5.71
N LEU C 488 -7.18 -12.07 4.41
CA LEU C 488 -5.86 -12.38 3.88
C LEU C 488 -5.06 -11.17 3.45
N LEU C 489 -5.62 -10.32 2.61
CA LEU C 489 -4.88 -9.18 2.14
C LEU C 489 -5.66 -7.88 2.17
N GLN C 490 -4.92 -6.77 2.18
CA GLN C 490 -5.51 -5.44 2.15
C GLN C 490 -4.74 -4.71 1.07
N VAL C 491 -5.45 -4.12 0.11
CA VAL C 491 -4.77 -3.40 -0.95
C VAL C 491 -5.30 -1.99 -1.06
N HIS C 492 -5.08 -1.22 0.00
CA HIS C 492 -5.48 0.18 0.10
C HIS C 492 -6.97 0.48 0.19
N ASP C 493 -7.78 -0.04 -0.74
CA ASP C 493 -9.21 0.18 -0.67
C ASP C 493 -9.86 -1.16 -1.05
N GLU C 494 -9.05 -2.21 -0.93
CA GLU C 494 -9.50 -3.55 -1.26
C GLU C 494 -9.16 -4.55 -0.17
N LEU C 495 -10.04 -5.53 0.01
CA LEU C 495 -9.78 -6.58 0.98
C LEU C 495 -9.97 -7.90 0.27
N VAL C 496 -9.08 -8.82 0.57
CA VAL C 496 -9.16 -10.15 0.00
C VAL C 496 -9.30 -11.10 1.18
N LEU C 497 -10.42 -11.81 1.21
CA LEU C 497 -10.72 -12.73 2.29
C LEU C 497 -10.81 -14.16 1.76
N GLU C 498 -10.78 -15.11 2.68
CA GLU C 498 -10.90 -16.51 2.32
C GLU C 498 -11.99 -17.07 3.20
N ALA C 499 -13.00 -17.66 2.59
CA ALA C 499 -14.12 -18.22 3.34
C ALA C 499 -14.50 -19.59 2.86
N PRO C 500 -14.94 -20.47 3.78
CA PRO C 500 -15.34 -21.81 3.40
C PRO C 500 -16.45 -21.69 2.36
N LYS C 501 -16.44 -22.55 1.34
CA LYS C 501 -17.45 -22.47 0.28
C LYS C 501 -18.91 -22.44 0.75
N GLU C 502 -19.20 -23.01 1.91
CA GLU C 502 -20.56 -23.01 2.40
C GLU C 502 -20.95 -21.66 3.04
N ARG C 503 -19.97 -20.78 3.24
CA ARG C 503 -20.24 -19.48 3.85
C ARG C 503 -19.78 -18.29 3.02
N ALA C 504 -19.13 -18.56 1.91
CA ALA C 504 -18.61 -17.50 1.04
C ALA C 504 -19.62 -16.42 0.68
N GLU C 505 -20.88 -16.80 0.48
CA GLU C 505 -21.91 -15.84 0.13
C GLU C 505 -22.27 -14.97 1.32
N ALA C 506 -22.44 -15.58 2.49
CA ALA C 506 -22.80 -14.84 3.69
C ALA C 506 -21.66 -13.92 4.10
N VAL C 507 -20.42 -14.38 3.88
CA VAL C 507 -19.25 -13.59 4.20
C VAL C 507 -19.16 -12.38 3.26
N ALA C 508 -19.31 -12.63 1.96
CA ALA C 508 -19.27 -11.57 0.96
C ALA C 508 -20.30 -10.52 1.37
N ARG C 509 -21.50 -10.99 1.65
CA ARG C 509 -22.62 -10.16 2.03
C ARG C 509 -22.32 -9.32 3.26
N LEU C 510 -21.81 -9.97 4.30
CA LEU C 510 -21.46 -9.30 5.55
C LEU C 510 -20.35 -8.25 5.38
N ALA C 511 -19.27 -8.64 4.72
CA ALA C 511 -18.12 -7.77 4.49
C ALA C 511 -18.52 -6.50 3.73
N LYS C 512 -19.30 -6.68 2.68
CA LYS C 512 -19.78 -5.59 1.86
C LYS C 512 -20.50 -4.56 2.73
N GLU C 513 -21.48 -5.05 3.50
CA GLU C 513 -22.26 -4.21 4.40
C GLU C 513 -21.37 -3.54 5.44
N VAL C 514 -20.49 -4.32 6.07
CA VAL C 514 -19.60 -3.75 7.07
C VAL C 514 -18.77 -2.61 6.50
N MET C 515 -18.27 -2.82 5.29
CA MET C 515 -17.44 -1.82 4.61
C MET C 515 -18.21 -0.58 4.18
N GLU C 516 -19.37 -0.76 3.55
CA GLU C 516 -20.18 0.38 3.10
C GLU C 516 -20.71 1.24 4.25
N GLY C 517 -20.93 0.63 5.42
CA GLY C 517 -21.42 1.37 6.57
C GLY C 517 -20.38 1.76 7.60
N VAL C 518 -19.10 1.57 7.28
CA VAL C 518 -18.01 1.89 8.19
C VAL C 518 -18.14 3.23 8.92
N TYR C 519 -18.34 4.30 8.16
CA TYR C 519 -18.45 5.64 8.71
C TYR C 519 -19.20 6.43 7.65
N PRO C 520 -20.53 6.57 7.80
CA PRO C 520 -21.37 7.29 6.85
C PRO C 520 -20.91 8.70 6.51
N LEU C 521 -20.96 9.02 5.23
CA LEU C 521 -20.54 10.33 4.75
C LEU C 521 -21.67 11.08 4.07
N ALA C 522 -21.35 12.22 3.48
CA ALA C 522 -22.32 13.03 2.78
C ALA C 522 -22.63 12.35 1.45
N VAL C 523 -22.00 11.20 1.27
CA VAL C 523 -22.17 10.40 0.07
C VAL C 523 -22.07 8.93 0.47
N PRO C 524 -22.85 8.06 -0.19
CA PRO C 524 -22.78 6.65 0.16
C PRO C 524 -21.47 6.03 -0.31
N LEU C 525 -21.02 4.98 0.38
CA LEU C 525 -19.82 4.26 -0.03
C LEU C 525 -20.30 2.97 -0.65
N GLU C 526 -19.83 2.67 -1.84
CA GLU C 526 -20.23 1.46 -2.52
C GLU C 526 -19.07 0.50 -2.60
N VAL C 527 -19.33 -0.77 -2.30
CA VAL C 527 -18.28 -1.77 -2.35
C VAL C 527 -18.61 -2.82 -3.39
N GLU C 528 -17.70 -3.03 -4.32
CA GLU C 528 -17.91 -4.04 -5.36
C GLU C 528 -17.41 -5.34 -4.74
N VAL C 529 -18.16 -6.40 -4.94
CA VAL C 529 -17.80 -7.70 -4.36
C VAL C 529 -17.79 -8.82 -5.40
N GLY C 530 -16.82 -9.71 -5.28
CA GLY C 530 -16.72 -10.84 -6.19
C GLY C 530 -16.22 -12.08 -5.46
N ILE C 531 -16.57 -13.25 -5.97
CA ILE C 531 -16.16 -14.50 -5.35
C ILE C 531 -15.60 -15.45 -6.42
N GLY C 532 -14.53 -16.17 -6.09
CA GLY C 532 -13.93 -17.08 -7.05
C GLY C 532 -12.78 -17.90 -6.47
N GLU C 533 -12.29 -18.88 -7.24
CA GLU C 533 -11.19 -19.72 -6.77
C GLU C 533 -9.82 -19.03 -6.78
N ASP C 534 -9.67 -17.98 -7.57
CA ASP C 534 -8.41 -17.23 -7.62
C ASP C 534 -8.70 -15.71 -7.54
N TRP C 535 -7.70 -14.95 -7.12
CA TRP C 535 -7.84 -13.50 -6.96
C TRP C 535 -8.46 -12.84 -8.19
N LEU C 536 -7.98 -13.18 -9.38
CA LEU C 536 -8.52 -12.59 -10.59
C LEU C 536 -10.01 -12.83 -10.71
N SER C 537 -10.43 -14.09 -10.63
CA SER C 537 -11.85 -14.42 -10.73
C SER C 537 -12.67 -13.77 -9.63
N ALA C 538 -12.03 -13.47 -8.51
CA ALA C 538 -12.72 -12.83 -7.40
C ALA C 538 -13.19 -11.45 -7.83
N LYS C 539 -12.35 -10.69 -8.55
CA LYS C 539 -12.73 -9.36 -9.00
C LYS C 539 -13.09 -9.38 -10.49
MG MG D . -11.71 1.00 -5.56
MG MG E . -8.58 -1.06 -5.48
PA TTP F . -8.61 1.90 -7.15
O1A TTP F . -7.84 1.40 -8.32
O2A TTP F . -9.47 1.01 -6.41
O3A TTP F . -9.57 2.99 -7.63
PB TTP F . -10.98 3.46 -7.06
O1B TTP F . -11.06 4.84 -7.38
O2B TTP F . -11.15 3.18 -5.66
O3B TTP F . -12.13 2.66 -7.91
PG TTP F . -12.48 1.10 -8.27
O1G TTP F . -11.60 0.21 -7.62
O2G TTP F . -13.94 0.92 -8.09
O3G TTP F . -12.14 1.00 -9.72
O5' TTP F . -7.67 2.64 -6.17
C5' TTP F . -7.90 3.10 -4.78
C4' TTP F . -7.60 4.57 -4.56
O4' TTP F . -6.20 4.83 -4.86
C3' TTP F . -8.36 5.53 -5.46
C2' TTP F . -7.47 6.76 -5.44
C1' TTP F . -6.07 6.14 -5.43
N1 TTP F . -5.50 6.03 -6.80
C2 TTP F . -4.60 6.98 -7.17
O2 TTP F . -4.34 7.98 -6.53
N3 TTP F . -4.01 6.72 -8.35
C4 TTP F . -4.23 5.63 -9.16
O4 TTP F . -3.61 5.53 -10.16
C5 TTP F . -5.22 4.71 -8.75
C5M TTP F . -5.51 3.51 -9.59
C6 TTP F . -5.81 4.95 -7.61
#